data_5QU2
#
_entry.id   5QU2
#
_cell.length_a   50.650
_cell.length_b   63.340
_cell.length_c   99.680
_cell.angle_alpha   90.000
_cell.angle_beta   90.000
_cell.angle_gamma   90.000
#
_symmetry.space_group_name_H-M   'I 21 21 21'
#
loop_
_entity.id
_entity.type
_entity.pdbx_description
1 polymer 'Cytoplasmic protein NCK1'
2 polymer ACE-PRO-PRO-PRO-VAL-PRO-ASN-PRO-ASP-TYR-NH2
3 non-polymer 'SULFATE ION'
4 water water
#
loop_
_entity_poly.entity_id
_entity_poly.type
_entity_poly.pdbx_seq_one_letter_code
_entity_poly.pdbx_strand_id
1 'polypeptide(L)' SMAEEVVVVAKFDYVAQQEQELDIKKNERLWLLDDSKSWWRVRNSMNKTGFVPSNYVERK A,B
2 'polypeptide(L)' (ACE)PPPVPNPDY(NH2) D,E
#
loop_
_chem_comp.id
_chem_comp.type
_chem_comp.name
_chem_comp.formula
ACE non-polymer 'ACETYL GROUP' 'C2 H4 O'
NH2 non-polymer 'AMINO GROUP' 'H2 N'
SO4 non-polymer 'SULFATE ION' 'O4 S -2'
#
# COMPACT_ATOMS: atom_id res chain seq x y z
N GLU A 5 -11.81 23.57 -4.85
CA GLU A 5 -10.59 24.41 -4.62
C GLU A 5 -9.89 24.00 -3.33
N VAL A 6 -10.37 22.96 -2.66
CA VAL A 6 -9.76 22.51 -1.38
C VAL A 6 -8.68 21.47 -1.68
N VAL A 7 -7.56 21.63 -1.00
CA VAL A 7 -6.36 20.77 -1.14
C VAL A 7 -6.21 19.93 0.13
N VAL A 8 -5.86 18.68 -0.08
CA VAL A 8 -5.30 17.84 1.01
C VAL A 8 -3.90 17.41 0.64
N VAL A 9 -3.08 17.18 1.63
CA VAL A 9 -1.73 16.65 1.43
C VAL A 9 -1.64 15.28 2.08
N ALA A 10 -1.20 14.29 1.36
CA ALA A 10 -1.06 12.94 1.94
C ALA A 10 -0.01 12.95 3.05
N LYS A 11 -0.36 12.35 4.18
CA LYS A 11 0.53 12.19 5.35
C LYS A 11 1.25 10.82 5.32
N PHE A 12 0.67 9.87 4.61
CA PHE A 12 1.22 8.50 4.50
C PHE A 12 0.92 8.00 3.11
N ASP A 13 1.68 7.00 2.69
CA ASP A 13 1.39 6.24 1.46
C ASP A 13 0.13 5.39 1.65
N TYR A 14 -0.63 5.24 0.58
CA TYR A 14 -1.77 4.31 0.59
C TYR A 14 -1.81 3.61 -0.77
N VAL A 15 -1.70 2.29 -0.74
CA VAL A 15 -1.83 1.45 -1.94
C VAL A 15 -3.28 0.93 -1.98
N ALA A 16 -3.99 1.26 -3.03
CA ALA A 16 -5.41 0.92 -3.22
C ALA A 16 -5.63 -0.60 -3.22
N GLN A 17 -6.68 -1.03 -2.54
CA GLN A 17 -7.05 -2.46 -2.47
C GLN A 17 -8.39 -2.74 -3.15
N GLN A 18 -9.08 -1.73 -3.66
CA GLN A 18 -10.35 -1.88 -4.38
C GLN A 18 -10.33 -0.88 -5.54
N GLU A 19 -11.13 -1.13 -6.55
CA GLU A 19 -11.22 -0.27 -7.77
C GLU A 19 -11.56 1.16 -7.38
N GLN A 20 -12.41 1.33 -6.37
CA GLN A 20 -12.91 2.69 -6.02
C GLN A 20 -11.88 3.50 -5.24
N GLU A 21 -10.80 2.89 -4.79
CA GLU A 21 -9.77 3.56 -3.98
C GLU A 21 -8.69 4.15 -4.93
N LEU A 22 -7.84 5.00 -4.36
CA LEU A 22 -6.77 5.68 -5.13
C LEU A 22 -5.43 5.52 -4.46
N ASP A 23 -4.43 5.12 -5.22
CA ASP A 23 -3.02 5.11 -4.73
C ASP A 23 -2.59 6.56 -4.50
N ILE A 24 -2.02 6.82 -3.32
CA ILE A 24 -1.43 8.14 -2.98
C ILE A 24 -0.07 7.92 -2.35
N LYS A 25 0.79 8.90 -2.53
CA LYS A 25 2.12 8.93 -1.87
C LYS A 25 2.22 10.05 -0.85
N LYS A 26 2.96 9.80 0.21
CA LYS A 26 3.26 10.82 1.22
C LYS A 26 3.71 12.10 0.50
N ASN A 27 3.17 13.23 0.91
CA ASN A 27 3.48 14.59 0.43
C ASN A 27 2.75 14.93 -0.86
N GLU A 28 2.01 14.03 -1.43
CA GLU A 28 1.22 14.31 -2.65
C GLU A 28 0.07 15.28 -2.32
N ARG A 29 -0.08 16.32 -3.13
CA ARG A 29 -1.22 17.21 -3.05
C ARG A 29 -2.35 16.66 -3.93
N LEU A 30 -3.57 16.73 -3.40
CA LEU A 30 -4.78 16.22 -4.08
C LEU A 30 -5.91 17.21 -3.88
N TRP A 31 -6.85 17.22 -4.80
CA TRP A 31 -8.08 18.01 -4.61
C TRP A 31 -9.05 17.19 -3.77
N LEU A 32 -9.66 17.84 -2.80
CA LEU A 32 -10.69 17.15 -1.95
C LEU A 32 -12.07 17.32 -2.57
N LEU A 33 -12.71 16.24 -2.96
CA LEU A 33 -14.02 16.29 -3.65
C LEU A 33 -15.18 16.02 -2.68
N ASP A 34 -15.03 15.07 -1.77
CA ASP A 34 -16.14 14.65 -0.86
C ASP A 34 -15.51 14.24 0.46
N ASP A 35 -15.87 14.89 1.54
CA ASP A 35 -15.33 14.57 2.89
C ASP A 35 -16.44 14.14 3.87
N SER A 36 -17.54 13.67 3.34
CA SER A 36 -18.73 13.35 4.19
CA SER A 36 -18.73 13.32 4.17
C SER A 36 -18.50 12.08 5.03
N LYS A 37 -17.68 11.16 4.59
CA LYS A 37 -17.46 9.89 5.31
C LYS A 37 -16.01 9.75 5.77
N SER A 38 -15.68 8.63 6.38
CA SER A 38 -14.34 8.41 6.96
C SER A 38 -13.30 8.19 5.84
N TRP A 39 -13.74 7.80 4.65
CA TRP A 39 -12.86 7.77 3.45
C TRP A 39 -13.28 8.94 2.59
N TRP A 40 -12.28 9.72 2.11
CA TRP A 40 -12.57 10.93 1.35
C TRP A 40 -12.33 10.66 -0.13
N ARG A 41 -13.13 11.29 -0.96
CA ARG A 41 -12.96 11.20 -2.44
C ARG A 41 -12.10 12.39 -2.87
N VAL A 42 -11.02 12.03 -3.56
CA VAL A 42 -9.96 12.98 -4.00
C VAL A 42 -9.69 12.79 -5.50
N ARG A 43 -9.12 13.88 -6.07
CA ARG A 43 -8.59 13.90 -7.45
CA ARG A 43 -8.60 13.92 -7.46
C ARG A 43 -7.10 14.21 -7.42
N ASN A 44 -6.34 13.43 -8.18
CA ASN A 44 -4.87 13.63 -8.29
C ASN A 44 -4.57 14.44 -9.57
N SER A 45 -3.28 14.68 -9.74
CA SER A 45 -2.76 15.51 -10.85
C SER A 45 -2.79 14.73 -12.17
N MET A 46 -3.09 13.43 -12.16
CA MET A 46 -3.37 12.67 -13.38
C MET A 46 -4.86 12.74 -13.76
N ASN A 47 -5.66 13.55 -13.05
CA ASN A 47 -7.11 13.66 -13.29
C ASN A 47 -7.81 12.34 -12.96
N LYS A 48 -7.27 11.53 -12.04
CA LYS A 48 -7.95 10.29 -11.59
C LYS A 48 -8.53 10.55 -10.22
N THR A 49 -9.62 9.84 -9.93
CA THR A 49 -10.32 10.06 -8.67
C THR A 49 -10.50 8.72 -7.94
N GLY A 50 -10.62 8.82 -6.63
CA GLY A 50 -10.96 7.67 -5.85
C GLY A 50 -10.95 8.02 -4.38
N PHE A 51 -11.32 7.00 -3.57
CA PHE A 51 -11.37 7.15 -2.11
C PHE A 51 -10.07 6.78 -1.42
N VAL A 52 -9.73 7.55 -0.39
CA VAL A 52 -8.56 7.34 0.45
C VAL A 52 -8.96 7.46 1.91
N PRO A 53 -8.18 6.87 2.82
CA PRO A 53 -8.50 7.00 4.24
C PRO A 53 -8.35 8.46 4.69
N SER A 54 -9.36 9.01 5.38
CA SER A 54 -9.32 10.46 5.72
C SER A 54 -8.16 10.76 6.66
N ASN A 55 -7.78 9.76 7.49
CA ASN A 55 -6.68 10.00 8.46
C ASN A 55 -5.30 9.92 7.77
N TYR A 56 -5.24 9.63 6.47
CA TYR A 56 -3.92 9.62 5.76
C TYR A 56 -3.71 10.93 5.03
N VAL A 57 -4.63 11.88 5.08
CA VAL A 57 -4.49 13.17 4.40
C VAL A 57 -4.77 14.30 5.36
N GLU A 58 -4.21 15.45 5.07
CA GLU A 58 -4.35 16.66 5.91
C GLU A 58 -5.00 17.73 5.06
N ARG A 59 -6.12 18.25 5.50
CA ARG A 59 -6.82 19.38 4.87
C ARG A 59 -5.99 20.66 5.01
N LYS A 60 -5.74 21.34 3.90
CA LYS A 60 -5.03 22.62 3.86
C LYS A 60 -6.02 23.76 3.74
N GLU B 4 10.15 5.68 -3.96
CA GLU B 4 9.68 4.76 -5.04
C GLU B 4 8.15 4.81 -5.06
N GLU B 5 7.56 4.48 -6.21
CA GLU B 5 6.10 4.38 -6.40
C GLU B 5 5.77 3.02 -7.00
N VAL B 6 6.71 2.07 -6.99
CA VAL B 6 6.44 0.77 -7.64
C VAL B 6 5.44 -0.04 -6.79
N VAL B 7 4.42 -0.58 -7.43
CA VAL B 7 3.43 -1.51 -6.87
C VAL B 7 3.65 -2.88 -7.45
N VAL B 8 3.65 -3.84 -6.55
CA VAL B 8 3.72 -5.28 -6.92
C VAL B 8 2.43 -5.91 -6.47
N VAL B 9 2.11 -7.01 -7.10
CA VAL B 9 0.89 -7.81 -6.79
C VAL B 9 1.31 -9.18 -6.32
N ALA B 10 0.76 -9.62 -5.21
CA ALA B 10 0.99 -10.98 -4.72
C ALA B 10 0.46 -12.01 -5.73
N LYS B 11 1.33 -12.94 -6.14
CA LYS B 11 0.94 -14.06 -7.04
C LYS B 11 0.31 -15.23 -6.25
N PHE B 12 0.69 -15.35 -4.97
CA PHE B 12 0.25 -16.42 -4.05
C PHE B 12 0.06 -15.79 -2.69
N ASP B 13 -0.71 -16.44 -1.86
CA ASP B 13 -0.73 -16.18 -0.43
C ASP B 13 0.69 -16.46 0.10
N TYR B 14 1.08 -15.74 1.13
CA TYR B 14 2.29 -16.07 1.90
C TYR B 14 2.00 -15.83 3.36
N VAL B 15 2.21 -16.85 4.16
CA VAL B 15 2.06 -16.79 5.63
C VAL B 15 3.43 -16.54 6.24
N ALA B 16 3.59 -15.40 6.87
CA ALA B 16 4.85 -15.03 7.54
C ALA B 16 5.28 -16.12 8.50
N GLN B 17 6.53 -16.53 8.43
CA GLN B 17 7.02 -17.64 9.29
C GLN B 17 7.94 -17.08 10.38
N GLN B 18 8.40 -15.85 10.23
CA GLN B 18 9.39 -15.24 11.13
C GLN B 18 8.98 -13.75 11.23
N GLU B 19 9.51 -13.08 12.23
CA GLU B 19 9.10 -11.70 12.64
CA GLU B 19 9.19 -11.69 12.66
C GLU B 19 9.29 -10.69 11.49
N GLN B 20 10.35 -10.79 10.72
CA GLN B 20 10.60 -9.80 9.64
C GLN B 20 9.76 -10.01 8.39
N GLU B 21 9.07 -11.14 8.30
CA GLU B 21 8.28 -11.45 7.10
C GLU B 21 6.93 -10.75 7.16
N LEU B 22 6.26 -10.67 6.03
CA LEU B 22 4.93 -10.06 5.97
C LEU B 22 3.92 -11.05 5.40
N ASP B 23 2.80 -11.15 6.08
CA ASP B 23 1.64 -11.92 5.58
C ASP B 23 1.08 -11.18 4.36
N ILE B 24 0.86 -11.87 3.26
CA ILE B 24 0.19 -11.32 2.06
C ILE B 24 -0.84 -12.29 1.53
N LYS B 25 -1.82 -11.77 0.85
CA LYS B 25 -2.85 -12.62 0.19
CA LYS B 25 -2.86 -12.60 0.20
C LYS B 25 -2.73 -12.52 -1.33
N LYS B 26 -3.04 -13.61 -2.03
CA LYS B 26 -3.02 -13.57 -3.50
C LYS B 26 -3.84 -12.36 -3.98
N ASN B 27 -3.30 -11.65 -4.96
CA ASN B 27 -3.88 -10.46 -5.65
C ASN B 27 -3.69 -9.16 -4.85
N GLU B 28 -3.18 -9.22 -3.64
CA GLU B 28 -2.93 -8.00 -2.83
C GLU B 28 -1.91 -7.12 -3.54
N ARG B 29 -2.21 -5.82 -3.62
CA ARG B 29 -1.29 -4.80 -4.13
C ARG B 29 -0.48 -4.26 -2.96
N LEU B 30 0.83 -4.14 -3.19
CA LEU B 30 1.84 -3.79 -2.19
C LEU B 30 2.80 -2.75 -2.79
N TRP B 31 3.34 -1.87 -1.97
CA TRP B 31 4.48 -1.05 -2.41
C TRP B 31 5.75 -1.89 -2.35
N LEU B 32 6.56 -1.80 -3.40
CA LEU B 32 7.89 -2.44 -3.40
C LEU B 32 8.91 -1.44 -2.86
N LEU B 33 9.51 -1.71 -1.71
CA LEU B 33 10.52 -0.82 -1.08
C LEU B 33 11.94 -1.22 -1.45
N ASP B 34 12.27 -2.48 -1.47
CA ASP B 34 13.68 -2.93 -1.68
CA ASP B 34 13.68 -2.92 -1.71
C ASP B 34 13.66 -4.25 -2.46
N ASP B 35 14.19 -4.28 -3.66
CA ASP B 35 14.22 -5.46 -4.55
C ASP B 35 15.65 -5.99 -4.72
N SER B 36 16.57 -5.63 -3.84
CA SER B 36 18.00 -5.96 -4.01
C SER B 36 18.31 -7.41 -3.65
N LYS B 37 17.48 -8.07 -2.85
CA LYS B 37 17.79 -9.44 -2.35
CA LYS B 37 17.78 -9.43 -2.35
C LYS B 37 16.73 -10.43 -2.86
N SER B 38 16.86 -11.70 -2.50
CA SER B 38 15.90 -12.74 -2.97
C SER B 38 14.56 -12.60 -2.25
N TRP B 39 14.56 -11.98 -1.07
CA TRP B 39 13.33 -11.57 -0.37
C TRP B 39 13.21 -10.07 -0.54
N TRP B 40 12.02 -9.64 -0.92
CA TRP B 40 11.78 -8.21 -1.22
C TRP B 40 11.11 -7.55 -0.03
N ARG B 41 11.48 -6.33 0.26
CA ARG B 41 10.86 -5.54 1.33
C ARG B 41 9.65 -4.82 0.72
N VAL B 42 8.49 -4.95 1.31
CA VAL B 42 7.23 -4.39 0.81
C VAL B 42 6.52 -3.64 1.92
N ARG B 43 5.61 -2.77 1.53
CA ARG B 43 4.71 -2.03 2.46
CA ARG B 43 4.71 -2.04 2.46
C ARG B 43 3.28 -2.28 2.02
N ASN B 44 2.43 -2.68 2.97
CA ASN B 44 1.01 -2.94 2.63
C ASN B 44 0.14 -1.71 2.84
N SER B 45 -1.15 -1.91 2.60
CA SER B 45 -2.19 -0.86 2.67
C SER B 45 -2.35 -0.32 4.09
N MET B 46 -1.92 -1.12 5.08
CA MET B 46 -1.95 -0.90 6.55
CA MET B 46 -2.02 -0.68 6.49
C MET B 46 -0.67 -0.13 6.96
N ASN B 47 0.25 0.13 6.02
CA ASN B 47 1.56 0.74 6.28
C ASN B 47 2.40 -0.16 7.20
N LYS B 48 2.18 -1.45 7.16
CA LYS B 48 3.12 -2.38 7.78
C LYS B 48 4.12 -2.82 6.73
N THR B 49 5.35 -3.03 7.17
CA THR B 49 6.43 -3.43 6.25
C THR B 49 6.97 -4.81 6.63
N GLY B 50 7.53 -5.49 5.66
CA GLY B 50 8.29 -6.70 5.90
C GLY B 50 8.71 -7.35 4.62
N PHE B 51 9.25 -8.53 4.78
CA PHE B 51 9.87 -9.28 3.66
C PHE B 51 8.98 -10.39 3.14
N VAL B 52 8.98 -10.58 1.84
CA VAL B 52 8.22 -11.65 1.16
C VAL B 52 9.15 -12.30 0.16
N PRO B 53 8.92 -13.54 -0.23
CA PRO B 53 9.78 -14.15 -1.24
C PRO B 53 9.57 -13.40 -2.55
N SER B 54 10.66 -13.07 -3.26
CA SER B 54 10.52 -12.31 -4.49
C SER B 54 9.72 -13.04 -5.55
N ASN B 55 9.76 -14.36 -5.57
CA ASN B 55 8.99 -15.14 -6.57
C ASN B 55 7.50 -15.28 -6.18
N TYR B 56 7.06 -14.64 -5.10
CA TYR B 56 5.63 -14.64 -4.71
C TYR B 56 4.94 -13.33 -5.11
N VAL B 57 5.65 -12.38 -5.68
CA VAL B 57 5.06 -11.08 -6.09
C VAL B 57 5.50 -10.79 -7.52
N GLU B 58 4.68 -10.04 -8.23
CA GLU B 58 5.01 -9.62 -9.59
C GLU B 58 4.87 -8.12 -9.78
N ARG B 59 5.77 -7.62 -10.58
CA ARG B 59 5.65 -6.30 -11.24
C ARG B 59 4.64 -6.43 -12.38
C ACE C 1 2.89 4.70 12.70
O ACE C 1 3.75 4.12 13.30
CH3 ACE C 1 2.25 5.93 13.38
N PRO C 2 2.38 4.22 11.53
CA PRO C 2 1.29 5.02 10.97
C PRO C 2 0.05 4.38 11.59
N PRO C 3 -1.08 5.09 11.64
CA PRO C 3 -2.30 4.51 12.16
C PRO C 3 -3.00 3.57 11.18
N PRO C 4 -3.96 2.73 11.66
CA PRO C 4 -4.80 1.91 10.78
C PRO C 4 -5.77 2.81 9.98
N VAL C 5 -6.20 2.31 8.86
CA VAL C 5 -7.23 3.02 8.06
C VAL C 5 -8.53 2.90 8.84
N PRO C 6 -9.47 3.83 8.71
CA PRO C 6 -10.82 3.61 9.24
C PRO C 6 -11.46 2.46 8.47
N ASN C 7 -12.46 1.81 9.10
CA ASN C 7 -13.25 0.78 8.38
C ASN C 7 -13.85 1.39 7.11
N PRO C 8 -13.63 0.84 5.89
CA PRO C 8 -14.20 1.47 4.68
C PRO C 8 -15.74 1.51 4.73
N ASP C 9 -16.37 2.64 4.44
CA ASP C 9 -17.85 2.65 4.24
C ASP C 9 -18.19 3.65 3.14
N TYR C 10 -17.27 3.83 2.20
CA TYR C 10 -17.54 4.60 0.97
C TYR C 10 -18.46 3.86 -0.01
N NH2 C 11 -18.36 2.22 0.07
C ACE D 1 1.93 -23.07 -6.33
O ACE D 1 1.11 -23.92 -6.58
CH3 ACE D 1 2.89 -22.64 -7.45
N PRO D 2 1.94 -22.52 -5.07
CA PRO D 2 3.07 -21.88 -4.35
C PRO D 2 4.43 -22.58 -4.49
N PRO D 3 5.33 -21.86 -5.18
CA PRO D 3 6.64 -22.40 -5.52
C PRO D 3 7.58 -22.47 -4.32
N PRO D 4 8.73 -23.14 -4.43
CA PRO D 4 9.75 -23.08 -3.40
C PRO D 4 10.22 -21.67 -3.13
N VAL D 5 10.51 -21.36 -1.89
CA VAL D 5 11.04 -20.02 -1.53
C VAL D 5 12.56 -20.07 -1.52
N PRO D 6 13.20 -18.92 -1.75
CA PRO D 6 14.63 -18.80 -1.48
C PRO D 6 14.91 -18.81 0.01
N ASN D 7 16.13 -19.14 0.41
CA ASN D 7 16.53 -19.00 1.82
C ASN D 7 16.24 -17.56 2.21
N PRO D 8 15.55 -17.30 3.34
CA PRO D 8 15.31 -15.91 3.75
C PRO D 8 16.59 -15.06 3.92
N ASP D 9 16.76 -13.87 3.32
N ASP D 9 16.41 -13.87 3.36
CA ASP D 9 18.10 -13.16 3.40
CA ASP D 9 17.37 -12.75 3.28
C ASP D 9 17.98 -11.72 3.90
C ASP D 9 16.64 -11.43 3.62
N TYR D 10 16.95 -11.42 4.71
N TYR D 10 16.85 -11.13 4.82
CA TYR D 10 16.77 -10.16 5.47
CA TYR D 10 16.22 -9.86 5.25
C TYR D 10 17.58 -10.19 6.76
C TYR D 10 17.24 -8.71 5.14
N NH2 D 11 17.42 -8.93 7.42
N NH2 D 11 18.44 -9.08 4.59
S SO4 E . -10.61 17.42 9.33
O1 SO4 E . -10.66 18.02 10.64
O2 SO4 E . -11.90 17.22 8.78
O3 SO4 E . -10.02 16.10 9.53
O4 SO4 E . -9.79 18.20 8.42
S SO4 F . 7.01 19.49 1.03
O1 SO4 F . 6.49 18.28 0.44
O2 SO4 F . 5.89 20.33 1.45
O3 SO4 F . 7.85 19.20 2.19
O4 SO4 F . 7.80 20.22 0.06
S SO4 G . -13.85 3.39 12.44
O1 SO4 G . -15.20 3.42 11.87
O2 SO4 G . -13.94 3.03 13.83
O3 SO4 G . -13.20 4.69 12.30
O4 SO4 G . -13.14 2.43 11.74
#